data_3H96
#
_entry.id   3H96
#
_cell.length_a   59.650
_cell.length_b   71.150
_cell.length_c   63.840
_cell.angle_alpha   90.00
_cell.angle_beta   90.39
_cell.angle_gamma   90.00
#
_symmetry.space_group_name_H-M   'P 1 21 1'
#
loop_
_entity.id
_entity.type
_entity.pdbx_description
1 polymer 'F420-H2 Dependent Reductase A'
2 non-polymer 1,2-ETHANEDIOL
3 water water
#
_entity_poly.entity_id   1
_entity_poly.type   'polypeptide(L)'
_entity_poly.pdbx_seq_one_letter_code
;G(MSE)SAPEDWNSQVIQEFRANGGRVGGNFEGAP(MSE)VLVHHVGRKTGKAAVTP(MSE)(MSE)YLPSDDDPGTIYV
FASKAGAASNPAWYYNLTTAGTAQVEVGTETYAVGVTEVTGEDRDRIYSEQARRYPGFADYEKKTAGIRTIPVLALTRT
;
_entity_poly.pdbx_strand_id   A,B,C,D
#
loop_
_chem_comp.id
_chem_comp.type
_chem_comp.name
_chem_comp.formula
EDO non-polymer 1,2-ETHANEDIOL 'C2 H6 O2'
#
# COMPACT_ATOMS: atom_id res chain seq x y z
N ASP A 7 1.97 -12.06 12.55
CA ASP A 7 3.45 -12.06 12.21
C ASP A 7 4.15 -10.89 12.87
N TRP A 8 3.97 -9.72 12.25
CA TRP A 8 4.05 -8.49 12.97
C TRP A 8 3.18 -8.65 14.24
N ASN A 9 1.90 -8.94 14.05
CA ASN A 9 0.94 -9.16 15.14
C ASN A 9 1.56 -10.04 16.23
N SER A 10 2.14 -11.16 15.80
CA SER A 10 2.91 -12.02 16.66
C SER A 10 4.05 -11.33 17.44
N GLN A 11 4.78 -10.40 16.82
CA GLN A 11 5.96 -9.80 17.49
C GLN A 11 5.53 -8.77 18.53
N VAL A 12 4.45 -8.05 18.20
CA VAL A 12 3.84 -7.07 19.12
C VAL A 12 3.32 -7.86 20.34
N ILE A 13 2.68 -9.00 20.12
CA ILE A 13 2.24 -9.84 21.24
C ILE A 13 3.44 -10.37 22.08
N GLN A 14 4.49 -10.90 21.43
CA GLN A 14 5.64 -11.32 22.27
C GLN A 14 6.22 -10.16 23.06
N GLU A 15 6.24 -9.00 22.43
CA GLU A 15 6.86 -7.86 23.07
C GLU A 15 6.00 -7.42 24.30
N PHE A 16 4.70 -7.29 24.10
CA PHE A 16 3.75 -7.03 25.18
C PHE A 16 4.00 -7.92 26.41
N ARG A 17 4.09 -9.22 26.17
CA ARG A 17 4.20 -10.22 27.20
C ARG A 17 5.57 -10.25 27.85
N ALA A 18 6.61 -9.78 27.14
CA ALA A 18 7.95 -9.69 27.69
C ALA A 18 8.14 -8.43 28.52
N ASN A 19 7.33 -7.41 28.26
CA ASN A 19 7.55 -6.16 28.92
C ASN A 19 6.46 -5.71 29.85
N GLY A 20 5.79 -6.64 30.56
CA GLY A 20 4.71 -6.27 31.45
C GLY A 20 3.51 -5.56 30.82
N GLY A 21 3.19 -5.86 29.55
CA GLY A 21 2.01 -5.29 28.97
C GLY A 21 2.24 -3.97 28.28
N ARG A 22 3.46 -3.78 27.81
CA ARG A 22 3.87 -2.52 27.14
C ARG A 22 4.60 -2.85 25.85
N VAL A 23 4.46 -1.96 24.87
CA VAL A 23 5.01 -2.16 23.53
C VAL A 23 5.63 -0.82 23.07
N GLY A 24 6.71 -0.91 22.33
CA GLY A 24 7.38 0.31 21.84
C GLY A 24 6.87 0.66 20.45
N GLY A 25 7.72 1.31 19.66
CA GLY A 25 7.30 1.79 18.33
C GLY A 25 6.13 2.74 18.48
N ASN A 26 5.14 2.65 17.59
CA ASN A 26 3.94 3.50 17.62
C ASN A 26 3.14 3.38 18.85
N PHE A 27 3.44 2.39 19.69
CA PHE A 27 2.61 2.14 20.85
C PHE A 27 3.34 2.56 22.10
N GLU A 28 4.59 3.03 21.91
CA GLU A 28 5.43 3.54 23.02
C GLU A 28 4.70 4.46 24.06
N GLY A 29 4.66 4.00 25.31
CA GLY A 29 4.01 4.72 26.42
C GLY A 29 2.50 4.59 26.53
N ALA A 30 1.86 3.88 25.59
CA ALA A 30 0.41 3.84 25.55
C ALA A 30 -0.08 2.66 26.37
N PRO A 31 -1.30 2.74 26.91
CA PRO A 31 -1.83 1.59 27.65
C PRO A 31 -2.24 0.58 26.64
N MSE A 32 -1.77 -0.66 26.74
CA MSE A 32 -2.09 -1.67 25.71
C MSE A 32 -2.94 -2.78 26.24
O MSE A 32 -2.86 -3.16 27.44
CB MSE A 32 -0.82 -2.33 25.18
CG MSE A 32 0.19 -1.32 24.61
SE MSE A 32 -0.51 -0.59 22.98
CE MSE A 32 -0.48 -2.29 21.95
N VAL A 33 -3.74 -3.33 25.35
CA VAL A 33 -4.47 -4.53 25.66
C VAL A 33 -4.36 -5.52 24.48
N LEU A 34 -4.22 -6.80 24.80
CA LEU A 34 -4.34 -7.87 23.82
C LEU A 34 -5.73 -8.45 23.97
N VAL A 35 -6.50 -8.30 22.91
CA VAL A 35 -7.92 -8.70 22.91
C VAL A 35 -8.01 -10.05 22.23
N HIS A 36 -8.53 -11.03 22.97
CA HIS A 36 -8.77 -12.36 22.35
C HIS A 36 -10.19 -12.33 21.87
N HIS A 37 -10.40 -12.61 20.58
CA HIS A 37 -11.71 -12.57 19.99
C HIS A 37 -11.86 -13.79 19.08
N VAL A 38 -13.10 -13.98 18.61
CA VAL A 38 -13.37 -15.12 17.76
CA VAL A 38 -13.41 -15.16 17.81
C VAL A 38 -14.23 -14.67 16.60
N GLY A 39 -13.83 -15.11 15.40
CA GLY A 39 -14.50 -14.65 14.16
C GLY A 39 -15.97 -15.01 14.16
N ARG A 40 -16.83 -13.98 14.05
CA ARG A 40 -18.25 -14.18 14.10
C ARG A 40 -18.74 -15.02 12.91
N LYS A 41 -17.91 -15.20 11.89
CA LYS A 41 -18.26 -16.04 10.74
C LYS A 41 -17.37 -17.26 10.68
N THR A 42 -16.10 -17.15 11.07
CA THR A 42 -15.18 -18.30 10.88
C THR A 42 -15.11 -19.15 12.09
N GLY A 43 -15.32 -18.56 13.26
CA GLY A 43 -15.25 -19.34 14.48
C GLY A 43 -13.83 -19.42 14.96
N LYS A 44 -12.92 -18.64 14.35
CA LYS A 44 -11.49 -18.84 14.64
C LYS A 44 -11.02 -17.79 15.62
N ALA A 45 -10.25 -18.22 16.63
CA ALA A 45 -9.68 -17.37 17.68
C ALA A 45 -8.57 -16.45 17.11
N ALA A 46 -8.48 -15.22 17.59
CA ALA A 46 -7.42 -14.34 17.15
C ALA A 46 -7.13 -13.49 18.36
N VAL A 47 -5.96 -12.84 18.33
CA VAL A 47 -5.49 -12.03 19.44
C VAL A 47 -5.01 -10.73 18.75
N THR A 48 -5.57 -9.59 19.14
CA THR A 48 -5.25 -8.35 18.44
C THR A 48 -4.78 -7.37 19.51
N PRO A 49 -3.54 -6.85 19.37
CA PRO A 49 -3.10 -5.84 20.35
C PRO A 49 -3.64 -4.49 19.94
N MSE A 50 -3.92 -3.61 20.90
CA MSE A 50 -4.40 -2.28 20.54
C MSE A 50 -4.26 -1.41 21.75
O MSE A 50 -4.03 -1.94 22.84
CB MSE A 50 -5.90 -2.39 20.10
CG MSE A 50 -6.83 -2.77 21.26
SE MSE A 50 -8.62 -3.05 20.55
CE MSE A 50 -8.35 -4.68 19.43
N MSE A 51 -4.35 -0.09 21.59
CA MSE A 51 -4.43 0.81 22.73
C MSE A 51 -5.76 0.73 23.49
O MSE A 51 -6.78 0.33 22.92
CB MSE A 51 -4.25 2.24 22.21
CG MSE A 51 -2.77 2.56 21.82
SE MSE A 51 -2.77 4.52 21.38
CE MSE A 51 -0.92 4.76 20.64
N TYR A 52 -5.77 1.08 24.77
CA TYR A 52 -7.02 1.37 25.41
C TYR A 52 -6.99 2.65 26.19
N LEU A 53 -8.16 3.15 26.58
CA LEU A 53 -8.23 4.28 27.48
C LEU A 53 -8.87 3.77 28.73
N PRO A 54 -8.21 3.95 29.89
CA PRO A 54 -8.93 3.50 31.09
C PRO A 54 -10.16 4.38 31.46
N SER A 55 -11.16 3.74 32.06
CA SER A 55 -12.36 4.44 32.42
C SER A 55 -12.02 5.44 33.50
N ASP A 56 -12.52 6.64 33.40
CA ASP A 56 -12.25 7.56 34.52
C ASP A 56 -13.24 7.40 35.70
N ASP A 57 -14.23 6.50 35.57
CA ASP A 57 -15.42 6.44 36.47
C ASP A 57 -15.54 5.09 37.13
N ASP A 58 -14.96 4.07 36.51
CA ASP A 58 -15.19 2.70 36.92
C ASP A 58 -13.91 1.85 36.80
N PRO A 59 -13.34 1.51 37.96
CA PRO A 59 -12.18 0.63 38.01
C PRO A 59 -12.58 -0.70 37.39
N GLY A 60 -11.69 -1.31 36.64
CA GLY A 60 -12.07 -2.59 35.97
C GLY A 60 -12.70 -2.43 34.59
N THR A 61 -13.07 -1.21 34.19
CA THR A 61 -13.57 -0.94 32.77
C THR A 61 -12.52 -0.26 31.91
N ILE A 62 -12.29 -0.71 30.66
CA ILE A 62 -11.38 -0.02 29.73
C ILE A 62 -12.20 0.22 28.47
N TYR A 63 -11.80 1.20 27.68
CA TYR A 63 -12.46 1.53 26.41
C TYR A 63 -11.53 1.24 25.28
N VAL A 64 -12.01 0.53 24.21
CA VAL A 64 -11.18 0.34 23.02
C VAL A 64 -11.87 1.04 21.84
N PHE A 65 -11.11 1.28 20.77
CA PHE A 65 -11.57 2.19 19.71
C PHE A 65 -11.45 1.43 18.48
N ALA A 66 -12.56 1.21 17.78
CA ALA A 66 -12.48 0.43 16.54
C ALA A 66 -12.07 1.28 15.33
N SER A 67 -10.90 1.90 15.44
CA SER A 67 -10.46 2.97 14.56
C SER A 67 -9.90 2.48 13.21
N LYS A 68 -9.20 1.35 13.25
CA LYS A 68 -8.61 0.79 12.02
C LYS A 68 -7.90 1.88 11.17
N ALA A 69 -7.17 2.74 11.87
CA ALA A 69 -6.40 3.83 11.26
C ALA A 69 -7.27 4.69 10.32
N GLY A 70 -8.55 4.83 10.64
CA GLY A 70 -9.37 5.77 9.86
C GLY A 70 -9.71 5.21 8.47
N ALA A 71 -9.65 3.89 8.34
CA ALA A 71 -10.12 3.24 7.12
C ALA A 71 -11.62 3.34 6.99
N ALA A 72 -12.08 3.02 5.81
CA ALA A 72 -13.47 3.08 5.46
C ALA A 72 -14.38 2.17 6.25
N SER A 73 -13.88 1.00 6.62
CA SER A 73 -14.70 -0.02 7.28
C SER A 73 -14.29 -0.24 8.76
N ASN A 74 -15.23 -0.66 9.61
CA ASN A 74 -14.89 -1.21 10.91
C ASN A 74 -14.01 -2.46 10.84
N PRO A 75 -13.10 -2.61 11.81
CA PRO A 75 -12.26 -3.84 11.89
C PRO A 75 -13.06 -5.10 12.26
N ALA A 76 -12.57 -6.27 11.83
CA ALA A 76 -13.26 -7.48 12.10
C ALA A 76 -13.41 -7.67 13.61
N TRP A 77 -12.40 -7.35 14.41
CA TRP A 77 -12.55 -7.59 15.87
C TRP A 77 -13.80 -6.91 16.54
N TYR A 78 -14.20 -5.77 15.99
CA TYR A 78 -15.34 -5.01 16.48
C TYR A 78 -16.58 -5.90 16.42
N TYR A 79 -16.88 -6.49 15.24
CA TYR A 79 -18.05 -7.34 15.04
C TYR A 79 -17.90 -8.59 15.88
N ASN A 80 -16.66 -9.09 15.95
CA ASN A 80 -16.42 -10.32 16.74
C ASN A 80 -16.79 -10.11 18.20
N LEU A 81 -16.33 -8.99 18.78
CA LEU A 81 -16.63 -8.71 20.19
C LEU A 81 -18.11 -8.45 20.49
N THR A 82 -18.78 -7.61 19.67
CA THR A 82 -20.15 -7.23 19.95
C THR A 82 -21.07 -8.43 19.65
N THR A 83 -20.62 -9.33 18.78
CA THR A 83 -21.36 -10.56 18.55
C THR A 83 -21.25 -11.51 19.73
N ALA A 84 -20.07 -11.69 20.26
CA ALA A 84 -19.94 -12.63 21.37
C ALA A 84 -20.48 -12.02 22.70
N GLY A 85 -20.33 -10.71 22.87
CA GLY A 85 -20.75 -10.07 24.12
C GLY A 85 -19.76 -10.25 25.28
N THR A 86 -18.76 -11.11 25.10
CA THR A 86 -17.74 -11.33 26.11
CA THR A 86 -17.75 -11.32 26.10
C THR A 86 -16.45 -11.72 25.41
N ALA A 87 -15.32 -11.57 26.12
CA ALA A 87 -13.99 -11.79 25.58
C ALA A 87 -13.01 -12.06 26.73
N GLN A 88 -11.79 -12.32 26.38
CA GLN A 88 -10.69 -12.41 27.28
C GLN A 88 -9.67 -11.38 26.83
N VAL A 89 -9.04 -10.70 27.77
CA VAL A 89 -7.99 -9.76 27.44
C VAL A 89 -6.74 -9.95 28.33
N GLU A 90 -5.59 -9.49 27.83
CA GLU A 90 -4.42 -9.30 28.67
C GLU A 90 -4.20 -7.79 28.81
N VAL A 91 -4.10 -7.34 30.05
CA VAL A 91 -3.86 -5.93 30.39
C VAL A 91 -2.80 -6.00 31.50
N GLY A 92 -1.69 -5.27 31.35
CA GLY A 92 -0.66 -5.26 32.37
C GLY A 92 -0.08 -6.67 32.40
N THR A 93 0.04 -7.24 33.59
CA THR A 93 0.52 -8.60 33.73
C THR A 93 -0.65 -9.56 33.85
N GLU A 94 -1.88 -9.06 33.69
CA GLU A 94 -3.07 -9.88 33.92
C GLU A 94 -3.76 -10.43 32.67
N THR A 95 -4.72 -11.34 32.90
CA THR A 95 -5.52 -11.95 31.84
C THR A 95 -6.82 -12.20 32.55
N TYR A 96 -7.91 -11.68 32.00
CA TYR A 96 -9.20 -11.84 32.62
C TYR A 96 -10.34 -11.78 31.61
N ALA A 97 -11.50 -12.26 32.05
CA ALA A 97 -12.69 -12.24 31.21
C ALA A 97 -13.30 -10.81 31.21
N VAL A 98 -13.99 -10.42 30.13
CA VAL A 98 -14.67 -9.15 30.08
CA VAL A 98 -14.68 -9.14 30.06
C VAL A 98 -16.06 -9.27 29.43
N GLY A 99 -16.98 -8.44 29.94
CA GLY A 99 -18.28 -8.19 29.27
C GLY A 99 -18.04 -7.07 28.27
N VAL A 100 -18.65 -7.17 27.08
CA VAL A 100 -18.56 -6.11 26.07
C VAL A 100 -19.88 -5.30 25.94
N THR A 101 -19.79 -3.96 25.92
CA THR A 101 -20.96 -3.13 25.61
C THR A 101 -20.45 -2.01 24.68
N GLU A 102 -21.30 -1.46 23.82
CA GLU A 102 -20.89 -0.43 22.91
C GLU A 102 -21.28 0.90 23.51
N VAL A 103 -20.38 1.89 23.50
CA VAL A 103 -20.73 3.21 24.02
C VAL A 103 -21.23 4.05 22.84
N THR A 104 -22.37 4.76 23.03
CA THR A 104 -22.96 5.56 21.95
C THR A 104 -23.30 7.00 22.39
N GLY A 105 -23.70 7.83 21.43
CA GLY A 105 -24.18 9.18 21.77
C GLY A 105 -23.07 10.07 22.31
N GLU A 106 -23.47 11.03 23.16
CA GLU A 106 -22.56 12.00 23.76
C GLU A 106 -21.49 11.29 24.63
N ASP A 107 -21.86 10.20 25.32
CA ASP A 107 -20.84 9.39 26.02
C ASP A 107 -19.66 8.88 25.13
N ARG A 108 -19.97 8.36 23.95
CA ARG A 108 -18.95 7.96 22.99
C ARG A 108 -18.03 9.16 22.67
N ASP A 109 -18.66 10.28 22.33
CA ASP A 109 -17.99 11.48 21.94
C ASP A 109 -17.04 11.95 23.06
N ARG A 110 -17.48 11.85 24.31
CA ARG A 110 -16.63 12.30 25.35
C ARG A 110 -15.42 11.40 25.53
N ILE A 111 -15.63 10.08 25.47
CA ILE A 111 -14.50 9.16 25.66
C ILE A 111 -13.55 9.28 24.42
N TYR A 112 -14.13 9.33 23.21
CA TYR A 112 -13.31 9.54 22.05
C TYR A 112 -12.55 10.86 22.17
N SER A 113 -13.19 11.96 22.62
CA SER A 113 -12.44 13.21 22.75
C SER A 113 -11.26 13.13 23.68
N GLU A 114 -11.36 12.39 24.78
CA GLU A 114 -10.22 12.24 25.72
C GLU A 114 -9.11 11.44 25.05
N GLN A 115 -9.49 10.37 24.35
CA GLN A 115 -8.46 9.62 23.63
C GLN A 115 -7.73 10.49 22.59
N ALA A 116 -8.50 11.26 21.82
CA ALA A 116 -7.94 12.15 20.78
C ALA A 116 -7.11 13.29 21.36
N ARG A 117 -7.46 13.71 22.58
CA ARG A 117 -6.68 14.69 23.33
C ARG A 117 -5.29 14.15 23.65
N ARG A 118 -5.23 12.89 24.09
CA ARG A 118 -3.98 12.22 24.45
C ARG A 118 -3.20 11.81 23.22
N TYR A 119 -3.90 11.42 22.16
CA TYR A 119 -3.25 10.97 20.95
C TYR A 119 -3.97 11.56 19.74
N PRO A 120 -3.56 12.76 19.30
CA PRO A 120 -4.40 13.48 18.32
C PRO A 120 -4.46 12.83 16.93
N GLY A 121 -3.61 11.83 16.66
CA GLY A 121 -3.88 10.94 15.50
C GLY A 121 -5.33 10.41 15.45
N PHE A 122 -5.92 10.19 16.64
CA PHE A 122 -7.31 9.74 16.70
C PHE A 122 -8.29 10.79 16.10
N ALA A 123 -7.95 12.09 16.22
CA ALA A 123 -8.78 13.12 15.60
C ALA A 123 -8.65 13.06 14.09
N ASP A 124 -7.48 12.69 13.59
CA ASP A 124 -7.34 12.52 12.14
C ASP A 124 -8.18 11.33 11.68
N TYR A 125 -8.23 10.23 12.46
CA TYR A 125 -9.03 9.08 11.99
C TYR A 125 -10.48 9.51 11.82
N GLU A 126 -10.94 10.34 12.75
CA GLU A 126 -12.31 10.71 12.67
C GLU A 126 -12.56 11.66 11.47
N LYS A 127 -11.57 12.51 11.14
CA LYS A 127 -11.75 13.35 9.94
C LYS A 127 -11.78 12.49 8.67
N LYS A 128 -10.88 11.51 8.56
CA LYS A 128 -10.91 10.48 7.48
C LYS A 128 -12.22 9.68 7.33
N THR A 129 -12.94 9.43 8.42
CA THR A 129 -14.16 8.66 8.34
C THR A 129 -15.41 9.49 8.37
N ALA A 130 -15.28 10.81 8.36
CA ALA A 130 -16.43 11.74 8.40
C ALA A 130 -17.40 11.46 7.24
N GLY A 131 -18.66 11.15 7.53
CA GLY A 131 -19.63 10.96 6.49
C GLY A 131 -19.60 9.52 5.98
N ILE A 132 -18.70 8.70 6.52
CA ILE A 132 -18.57 7.29 6.11
C ILE A 132 -18.95 6.35 7.25
N ARG A 133 -18.27 6.49 8.37
CA ARG A 133 -18.65 5.76 9.52
C ARG A 133 -18.27 6.53 10.80
N THR A 134 -19.01 6.25 11.89
CA THR A 134 -18.64 6.74 13.22
C THR A 134 -17.82 5.62 13.85
N ILE A 135 -16.63 5.97 14.35
CA ILE A 135 -15.63 5.01 14.92
C ILE A 135 -16.23 4.47 16.21
N PRO A 136 -16.44 3.13 16.25
CA PRO A 136 -17.06 2.62 17.46
C PRO A 136 -16.16 2.67 18.68
N VAL A 137 -16.77 2.94 19.82
CA VAL A 137 -16.04 2.74 21.09
C VAL A 137 -16.71 1.60 21.86
N LEU A 138 -15.92 0.63 22.33
CA LEU A 138 -16.45 -0.43 23.15
C LEU A 138 -15.88 -0.33 24.59
N ALA A 139 -16.72 -0.67 25.56
CA ALA A 139 -16.35 -0.80 26.95
C ALA A 139 -16.10 -2.29 27.27
N LEU A 140 -14.90 -2.60 27.74
CA LEU A 140 -14.54 -3.92 28.17
C LEU A 140 -14.50 -3.95 29.72
N THR A 141 -15.47 -4.64 30.32
CA THR A 141 -15.63 -4.58 31.76
C THR A 141 -15.25 -5.91 32.40
N ARG A 142 -14.29 -5.83 33.33
CA ARG A 142 -13.77 -7.02 33.99
C ARG A 142 -14.88 -7.78 34.69
N THR A 143 -14.98 -9.06 34.43
CA THR A 143 -15.76 -9.99 35.23
C THR A 143 -14.83 -11.08 35.76
N ASP B 7 -30.96 -4.42 -24.00
CA ASP B 7 -30.15 -5.64 -23.71
C ASP B 7 -30.27 -6.10 -22.25
N TRP B 8 -29.82 -7.34 -22.05
N TRP B 8 -29.84 -7.35 -22.04
CA TRP B 8 -29.86 -8.03 -20.79
CA TRP B 8 -29.88 -8.03 -20.76
C TRP B 8 -29.06 -7.28 -19.72
C TRP B 8 -29.05 -7.31 -19.70
N ASN B 9 -27.85 -6.89 -20.09
CA ASN B 9 -26.97 -6.13 -19.22
C ASN B 9 -27.71 -4.93 -18.66
N SER B 10 -28.27 -4.11 -19.56
CA SER B 10 -29.03 -2.91 -19.12
C SER B 10 -30.26 -3.23 -18.27
N GLN B 11 -31.01 -4.27 -18.66
CA GLN B 11 -32.14 -4.69 -17.82
C GLN B 11 -31.76 -5.11 -16.35
N VAL B 12 -30.62 -5.79 -16.21
CA VAL B 12 -30.20 -6.27 -14.93
C VAL B 12 -29.76 -5.08 -14.07
N ILE B 13 -28.98 -4.18 -14.68
CA ILE B 13 -28.55 -2.99 -14.02
C ILE B 13 -29.76 -2.14 -13.53
N GLN B 14 -30.75 -1.90 -14.41
CA GLN B 14 -31.95 -1.16 -14.06
C GLN B 14 -32.69 -1.81 -12.87
N GLU B 15 -32.80 -3.15 -12.89
CA GLU B 15 -33.53 -3.85 -11.85
C GLU B 15 -32.76 -3.71 -10.51
N PHE B 16 -31.43 -3.87 -10.60
CA PHE B 16 -30.59 -3.69 -9.41
C PHE B 16 -30.83 -2.29 -8.81
N ARG B 17 -30.82 -1.26 -9.65
CA ARG B 17 -30.85 0.11 -9.15
C ARG B 17 -32.22 0.47 -8.60
N ALA B 18 -33.24 -0.13 -9.20
CA ALA B 18 -34.62 0.06 -8.82
C ALA B 18 -35.08 -0.82 -7.64
N ASN B 19 -34.29 -1.81 -7.27
CA ASN B 19 -34.73 -2.71 -6.20
C ASN B 19 -33.69 -2.96 -5.15
N GLY B 20 -32.90 -1.94 -4.83
CA GLY B 20 -32.10 -2.01 -3.59
C GLY B 20 -30.89 -2.95 -3.70
N GLY B 21 -30.41 -3.15 -4.94
CA GLY B 21 -29.29 -4.07 -5.18
C GLY B 21 -29.60 -5.56 -5.20
N ARG B 22 -30.89 -5.91 -5.32
CA ARG B 22 -31.35 -7.31 -5.48
C ARG B 22 -31.92 -7.52 -6.87
N VAL B 23 -31.63 -8.67 -7.44
CA VAL B 23 -32.04 -9.00 -8.80
C VAL B 23 -32.60 -10.45 -8.83
N GLY B 24 -33.65 -10.64 -9.62
CA GLY B 24 -34.33 -11.91 -9.76
C GLY B 24 -33.73 -12.78 -10.87
N GLY B 25 -34.54 -13.70 -11.39
CA GLY B 25 -34.07 -14.64 -12.42
C GLY B 25 -32.90 -15.41 -11.89
N ASN B 26 -31.87 -15.61 -12.75
CA ASN B 26 -30.60 -16.23 -12.35
C ASN B 26 -29.89 -15.75 -11.11
N PHE B 27 -30.23 -14.53 -10.70
CA PHE B 27 -29.52 -13.90 -9.61
C PHE B 27 -30.38 -13.89 -8.36
N GLU B 28 -31.57 -14.45 -8.46
CA GLU B 28 -32.50 -14.44 -7.32
C GLU B 28 -31.81 -14.82 -5.98
N GLY B 29 -31.95 -13.97 -4.94
CA GLY B 29 -31.34 -14.31 -3.61
C GLY B 29 -29.80 -14.15 -3.51
N ALA B 30 -29.11 -13.89 -4.60
CA ALA B 30 -27.64 -13.85 -4.57
C ALA B 30 -27.15 -12.44 -4.18
N PRO B 31 -25.99 -12.34 -3.53
CA PRO B 31 -25.46 -10.99 -3.30
C PRO B 31 -24.89 -10.42 -4.64
N MSE B 32 -25.32 -9.22 -5.02
CA MSE B 32 -24.99 -8.62 -6.29
C MSE B 32 -24.14 -7.40 -6.16
O MSE B 32 -24.31 -6.62 -5.26
CB MSE B 32 -26.26 -8.19 -7.04
CG MSE B 32 -27.19 -9.29 -7.42
SE MSE B 32 -26.34 -10.69 -8.54
CE MSE B 32 -26.39 -9.61 -10.27
N VAL B 33 -23.22 -7.23 -7.10
CA VAL B 33 -22.48 -6.02 -7.28
C VAL B 33 -22.55 -5.51 -8.76
N LEU B 34 -22.67 -4.19 -8.94
CA LEU B 34 -22.42 -3.60 -10.27
C LEU B 34 -21.01 -3.03 -10.29
N VAL B 35 -20.18 -3.60 -11.15
CA VAL B 35 -18.76 -3.23 -11.18
C VAL B 35 -18.61 -2.26 -12.34
N HIS B 36 -18.18 -1.05 -12.01
CA HIS B 36 -17.82 -0.03 -13.04
C HIS B 36 -16.40 -0.32 -13.45
N HIS B 37 -16.15 -0.44 -14.75
CA HIS B 37 -14.76 -0.67 -15.15
C HIS B 37 -14.51 0.20 -16.39
N VAL B 38 -13.25 0.30 -16.78
CA VAL B 38 -12.90 1.09 -17.94
CA VAL B 38 -12.86 1.11 -17.91
C VAL B 38 -12.03 0.27 -18.87
N GLY B 39 -12.34 0.32 -20.16
CA GLY B 39 -11.58 -0.51 -21.08
C GLY B 39 -10.10 -0.19 -21.11
N ARG B 40 -9.24 -1.18 -20.79
CA ARG B 40 -7.80 -0.97 -20.71
C ARG B 40 -7.19 -0.63 -22.06
N LYS B 41 -7.93 -0.87 -23.13
CA LYS B 41 -7.46 -0.51 -24.42
C LYS B 41 -8.34 0.54 -25.06
N THR B 42 -9.63 0.54 -24.81
CA THR B 42 -10.57 1.48 -25.46
C THR B 42 -10.79 2.75 -24.66
N GLY B 43 -10.63 2.71 -23.36
CA GLY B 43 -11.03 3.87 -22.57
C GLY B 43 -12.54 3.93 -22.30
N LYS B 44 -13.33 2.99 -22.79
CA LYS B 44 -14.82 3.15 -22.71
C LYS B 44 -15.29 2.72 -21.34
N ALA B 45 -16.23 3.47 -20.74
CA ALA B 45 -16.88 3.07 -19.49
C ALA B 45 -17.77 1.85 -19.67
N ALA B 46 -17.72 0.89 -18.74
CA ALA B 46 -18.70 -0.19 -18.74
C ALA B 46 -19.19 -0.47 -17.33
N VAL B 47 -20.37 -1.10 -17.21
CA VAL B 47 -20.88 -1.55 -15.89
C VAL B 47 -21.31 -3.04 -16.09
N THR B 48 -20.80 -3.94 -15.23
CA THR B 48 -21.14 -5.33 -15.36
C THR B 48 -21.65 -5.81 -14.02
N PRO B 49 -22.89 -6.36 -14.03
CA PRO B 49 -23.47 -6.96 -12.81
C PRO B 49 -22.90 -8.33 -12.58
N MSE B 50 -22.72 -8.70 -11.30
CA MSE B 50 -22.33 -10.03 -11.05
C MSE B 50 -22.54 -10.33 -9.57
O MSE B 50 -22.73 -9.41 -8.71
CB MSE B 50 -20.82 -10.13 -11.39
CG MSE B 50 -19.91 -9.30 -10.48
SE MSE B 50 -18.01 -9.32 -11.14
CE MSE B 50 -18.33 -8.40 -12.82
N MSE B 51 -22.48 -11.63 -9.29
CA MSE B 51 -22.47 -12.06 -7.88
C MSE B 51 -21.18 -11.73 -7.18
O MSE B 51 -20.10 -11.59 -7.82
CB MSE B 51 -22.66 -13.59 -7.83
CG MSE B 51 -24.07 -14.05 -8.31
SE MSE B 51 -24.17 -15.98 -7.87
CE MSE B 51 -25.88 -16.40 -8.70
N TYR B 52 -21.26 -11.60 -5.85
CA TYR B 52 -20.02 -11.54 -5.06
C TYR B 52 -20.19 -12.39 -3.84
N LEU B 53 -19.05 -12.70 -3.24
CA LEU B 53 -19.04 -13.44 -2.02
C LEU B 53 -18.42 -12.49 -0.97
N PRO B 54 -19.14 -12.16 0.10
CA PRO B 54 -18.55 -11.33 1.15
C PRO B 54 -17.43 -12.06 1.90
N SER B 55 -16.38 -11.32 2.25
CA SER B 55 -15.30 -11.88 3.01
C SER B 55 -15.76 -12.36 4.39
N ASP B 56 -15.31 -13.52 4.76
CA ASP B 56 -15.61 -13.99 6.14
C ASP B 56 -14.69 -13.40 7.19
N ASP B 57 -13.63 -12.72 6.73
CA ASP B 57 -12.47 -12.29 7.56
C ASP B 57 -12.44 -10.79 7.73
N ASP B 58 -12.94 -10.03 6.74
CA ASP B 58 -12.68 -8.58 6.70
C ASP B 58 -13.93 -7.80 6.21
N PRO B 59 -14.67 -7.17 7.12
CA PRO B 59 -15.81 -6.35 6.69
C PRO B 59 -15.32 -5.35 5.60
N GLY B 60 -16.14 -5.05 4.62
CA GLY B 60 -15.64 -4.08 3.59
C GLY B 60 -14.91 -4.73 2.41
N THR B 61 -14.56 -6.02 2.52
CA THR B 61 -13.98 -6.76 1.37
C THR B 61 -14.98 -7.74 0.74
N ILE B 62 -15.12 -7.69 -0.57
CA ILE B 62 -15.97 -8.65 -1.25
C ILE B 62 -15.12 -9.32 -2.28
N TYR B 63 -15.48 -10.54 -2.64
CA TYR B 63 -14.77 -11.30 -3.69
C TYR B 63 -15.63 -11.49 -4.90
N VAL B 64 -15.01 -11.34 -6.08
CA VAL B 64 -15.72 -11.60 -7.33
C VAL B 64 -14.98 -12.63 -8.15
N PHE B 65 -15.70 -13.23 -9.09
CA PHE B 65 -15.20 -14.42 -9.79
C PHE B 65 -15.20 -14.18 -11.29
N ALA B 66 -14.05 -14.29 -11.94
CA ALA B 66 -13.96 -13.99 -13.38
C ALA B 66 -14.26 -15.27 -14.17
N SER B 67 -15.47 -15.79 -13.90
CA SER B 67 -15.88 -17.12 -14.34
C SER B 67 -16.30 -17.18 -15.80
N LYS B 68 -16.97 -16.13 -16.27
CA LYS B 68 -17.43 -16.04 -17.64
C LYS B 68 -18.17 -17.32 -18.07
N ALA B 69 -18.97 -17.84 -17.17
CA ALA B 69 -19.66 -19.08 -17.30
C ALA B 69 -18.80 -20.24 -17.74
N GLY B 70 -17.55 -20.18 -17.37
CA GLY B 70 -16.68 -21.33 -17.60
C GLY B 70 -16.21 -21.41 -19.05
N ALA B 71 -16.23 -20.28 -19.74
CA ALA B 71 -15.71 -20.20 -21.11
C ALA B 71 -14.16 -20.22 -21.15
N ALA B 72 -13.63 -20.29 -22.35
CA ALA B 72 -12.22 -20.47 -22.53
C ALA B 72 -11.35 -19.29 -22.11
N SER B 73 -11.88 -18.07 -22.16
CA SER B 73 -11.07 -16.85 -21.93
C SER B 73 -11.50 -16.12 -20.67
N ASN B 74 -10.60 -15.43 -19.99
CA ASN B 74 -11.04 -14.47 -18.97
C ASN B 74 -11.91 -13.35 -19.57
N PRO B 75 -12.88 -12.83 -18.78
CA PRO B 75 -13.62 -11.72 -19.33
C PRO B 75 -12.85 -10.41 -19.35
N ALA B 76 -13.24 -9.49 -20.22
CA ALA B 76 -12.63 -8.17 -20.36
C ALA B 76 -12.56 -7.42 -19.00
N TRP B 77 -13.62 -7.52 -18.20
CA TRP B 77 -13.66 -6.74 -16.95
C TRP B 77 -12.53 -7.09 -16.00
N TYR B 78 -12.12 -8.35 -16.02
CA TYR B 78 -11.08 -8.84 -15.16
C TYR B 78 -9.80 -8.01 -15.44
N TYR B 79 -9.40 -7.95 -16.72
CA TYR B 79 -8.22 -7.15 -17.14
C TYR B 79 -8.37 -5.66 -16.87
N ASN B 80 -9.59 -5.13 -17.07
CA ASN B 80 -9.80 -3.72 -16.87
C ASN B 80 -9.59 -3.39 -15.42
N LEU B 81 -10.12 -4.25 -14.53
CA LEU B 81 -9.94 -4.00 -13.07
C LEU B 81 -8.50 -4.12 -12.59
N THR B 82 -7.79 -5.18 -13.02
CA THR B 82 -6.44 -5.35 -12.54
C THR B 82 -5.50 -4.29 -13.13
N THR B 83 -5.83 -3.78 -14.32
CA THR B 83 -5.03 -2.70 -14.96
C THR B 83 -5.27 -1.43 -14.14
N ALA B 84 -6.51 -1.15 -13.79
CA ALA B 84 -6.77 0.11 -13.07
C ALA B 84 -6.29 0.03 -11.63
N GLY B 85 -6.46 -1.11 -10.97
CA GLY B 85 -6.06 -1.12 -9.57
C GLY B 85 -7.13 -0.64 -8.62
N THR B 86 -8.09 0.08 -9.12
CA THR B 86 -9.19 0.55 -8.31
C THR B 86 -10.47 0.52 -9.12
N ALA B 87 -11.59 0.69 -8.49
CA ALA B 87 -12.83 0.80 -9.23
C ALA B 87 -13.96 1.37 -8.35
N GLN B 88 -15.07 1.75 -8.97
CA GLN B 88 -16.32 2.15 -8.30
C GLN B 88 -17.24 0.95 -8.37
N VAL B 89 -17.93 0.63 -7.28
CA VAL B 89 -18.92 -0.43 -7.34
C VAL B 89 -20.26 0.03 -6.78
N GLU B 90 -21.34 -0.68 -7.15
CA GLU B 90 -22.62 -0.50 -6.50
C GLU B 90 -22.94 -1.81 -5.84
N VAL B 91 -23.21 -1.75 -4.52
CA VAL B 91 -23.54 -2.92 -3.69
C VAL B 91 -24.71 -2.48 -2.83
N GLY B 92 -25.80 -3.22 -2.89
CA GLY B 92 -26.93 -2.89 -2.00
C GLY B 92 -27.53 -1.57 -2.40
N THR B 93 -27.67 -0.68 -1.41
CA THR B 93 -28.08 0.68 -1.69
C THR B 93 -26.93 1.68 -1.95
N GLU B 94 -25.70 1.27 -1.80
CA GLU B 94 -24.56 2.17 -1.84
C GLU B 94 -23.70 2.13 -3.11
N THR B 95 -22.87 3.15 -3.25
CA THR B 95 -21.87 3.20 -4.33
C THR B 95 -20.55 3.65 -3.67
N TYR B 96 -19.48 2.95 -3.90
CA TYR B 96 -18.25 3.33 -3.29
C TYR B 96 -17.02 2.89 -4.11
N ALA B 97 -15.87 3.48 -3.81
CA ALA B 97 -14.60 3.10 -4.44
C ALA B 97 -14.01 1.85 -3.77
N VAL B 98 -13.32 1.06 -4.58
CA VAL B 98 -12.64 -0.09 -4.08
CA VAL B 98 -12.60 -0.12 -4.08
C VAL B 98 -11.18 -0.19 -4.58
N GLY B 99 -10.30 -0.75 -3.76
CA GLY B 99 -9.01 -1.25 -4.26
C GLY B 99 -9.14 -2.69 -4.77
N VAL B 100 -8.35 -3.04 -5.78
CA VAL B 100 -8.54 -4.32 -6.47
C VAL B 100 -7.28 -5.09 -6.17
N THR B 101 -7.38 -6.33 -5.67
CA THR B 101 -6.19 -7.16 -5.58
C THR B 101 -6.60 -8.53 -6.03
N GLU B 102 -5.69 -9.27 -6.65
CA GLU B 102 -6.05 -10.60 -7.09
C GLU B 102 -5.70 -11.63 -6.03
N VAL B 103 -6.57 -12.60 -5.79
CA VAL B 103 -6.27 -13.63 -4.82
C VAL B 103 -5.79 -14.83 -5.59
N THR B 104 -4.72 -15.45 -5.10
CA THR B 104 -4.15 -16.63 -5.76
C THR B 104 -3.90 -17.77 -4.79
N GLY B 105 -3.50 -18.94 -5.33
CA GLY B 105 -3.01 -20.09 -4.54
C GLY B 105 -4.07 -20.70 -3.62
N GLU B 106 -3.64 -21.12 -2.45
CA GLU B 106 -4.54 -21.74 -1.51
C GLU B 106 -5.73 -20.82 -1.11
N ASP B 107 -5.47 -19.54 -0.96
CA ASP B 107 -6.56 -18.62 -0.61
C ASP B 107 -7.62 -18.55 -1.70
N ARG B 108 -7.20 -18.57 -2.95
CA ARG B 108 -8.10 -18.53 -4.09
C ARG B 108 -8.99 -19.76 -4.04
N ASP B 109 -8.37 -20.92 -3.91
CA ASP B 109 -9.10 -22.15 -3.98
C ASP B 109 -10.07 -22.19 -2.82
N ARG B 110 -9.70 -21.61 -1.68
CA ARG B 110 -10.64 -21.68 -0.55
C ARG B 110 -11.89 -20.83 -0.86
N ILE B 111 -11.70 -19.61 -1.32
CA ILE B 111 -12.83 -18.71 -1.60
C ILE B 111 -13.65 -19.28 -2.75
N TYR B 112 -12.98 -19.78 -3.78
CA TYR B 112 -13.72 -20.44 -4.85
C TYR B 112 -14.61 -21.57 -4.36
N SER B 113 -14.04 -22.42 -3.48
CA SER B 113 -14.73 -23.59 -2.97
C SER B 113 -15.96 -23.20 -2.22
N GLU B 114 -15.87 -22.14 -1.42
CA GLU B 114 -17.02 -21.66 -0.70
C GLU B 114 -18.08 -21.11 -1.67
N GLN B 115 -17.68 -20.27 -2.63
CA GLN B 115 -18.66 -19.85 -3.67
C GLN B 115 -19.35 -21.07 -4.35
N ALA B 116 -18.57 -22.08 -4.70
CA ALA B 116 -19.09 -23.26 -5.45
C ALA B 116 -20.00 -24.07 -4.47
N ARG B 117 -19.72 -24.03 -3.16
CA ARG B 117 -20.54 -24.71 -2.18
C ARG B 117 -21.94 -24.05 -2.15
N ARG B 118 -21.99 -22.72 -2.27
CA ARG B 118 -23.24 -21.98 -2.25
C ARG B 118 -23.98 -22.06 -3.58
N TYR B 119 -23.23 -22.10 -4.69
CA TYR B 119 -23.80 -22.13 -6.06
C TYR B 119 -22.98 -23.15 -6.84
N PRO B 120 -23.37 -24.44 -6.80
CA PRO B 120 -22.47 -25.48 -7.38
C PRO B 120 -22.27 -25.36 -8.91
N GLY B 121 -23.01 -24.44 -9.58
CA GLY B 121 -22.77 -24.11 -11.00
C GLY B 121 -21.31 -23.68 -11.14
N PHE B 122 -20.79 -23.05 -10.09
CA PHE B 122 -19.39 -22.61 -10.15
C PHE B 122 -18.44 -23.83 -10.16
N ALA B 123 -18.83 -24.97 -9.58
CA ALA B 123 -17.97 -26.16 -9.65
C ALA B 123 -17.89 -26.62 -11.11
N ASP B 124 -19.02 -26.50 -11.81
CA ASP B 124 -19.04 -26.82 -13.23
C ASP B 124 -18.11 -25.88 -14.04
N TYR B 125 -18.06 -24.57 -13.74
CA TYR B 125 -17.20 -23.66 -14.50
C TYR B 125 -15.76 -24.05 -14.33
N GLU B 126 -15.41 -24.54 -13.15
CA GLU B 126 -14.04 -24.92 -12.83
C GLU B 126 -13.63 -26.21 -13.62
N LYS B 127 -14.49 -27.24 -13.60
CA LYS B 127 -14.31 -28.44 -14.42
C LYS B 127 -14.21 -28.08 -15.93
N LYS B 128 -15.06 -27.17 -16.40
CA LYS B 128 -15.03 -26.72 -17.79
C LYS B 128 -13.74 -25.97 -18.23
N THR B 129 -13.02 -25.33 -17.31
CA THR B 129 -11.77 -24.58 -17.67
C THR B 129 -10.49 -25.33 -17.26
N ALA B 130 -10.64 -26.50 -16.67
CA ALA B 130 -9.56 -27.33 -16.19
C ALA B 130 -8.51 -27.51 -17.29
N GLY B 131 -7.27 -27.20 -17.04
CA GLY B 131 -6.30 -27.34 -18.09
C GLY B 131 -6.26 -26.27 -19.16
N ILE B 132 -7.05 -25.22 -18.95
CA ILE B 132 -7.25 -24.13 -19.83
C ILE B 132 -6.93 -22.79 -19.16
N ARG B 133 -7.57 -22.49 -18.05
CA ARG B 133 -7.28 -21.34 -17.22
C ARG B 133 -7.81 -21.56 -15.79
N THR B 134 -7.11 -20.97 -14.83
CA THR B 134 -7.64 -20.98 -13.51
CA THR B 134 -7.62 -20.98 -13.50
C THR B 134 -8.53 -19.75 -13.46
N ILE B 135 -9.78 -19.91 -13.03
CA ILE B 135 -10.76 -18.77 -12.97
C ILE B 135 -10.26 -17.84 -11.88
N PRO B 136 -10.00 -16.57 -12.28
CA PRO B 136 -9.53 -15.60 -11.33
C PRO B 136 -10.54 -15.17 -10.25
N VAL B 137 -10.00 -14.89 -9.05
CA VAL B 137 -10.85 -14.37 -7.97
C VAL B 137 -10.23 -12.99 -7.65
N LEU B 138 -11.02 -11.91 -7.63
CA LEU B 138 -10.47 -10.62 -7.17
C LEU B 138 -11.08 -10.20 -5.83
N ALA B 139 -10.27 -9.55 -4.98
CA ALA B 139 -10.73 -8.94 -3.75
C ALA B 139 -11.03 -7.45 -3.98
N LEU B 140 -12.26 -7.03 -3.71
CA LEU B 140 -12.58 -5.65 -3.92
C LEU B 140 -12.73 -5.06 -2.51
N THR B 141 -11.83 -4.17 -2.14
CA THR B 141 -11.73 -3.64 -0.72
C THR B 141 -12.17 -2.18 -0.67
N ARG B 142 -13.24 -1.93 0.09
CA ARG B 142 -13.78 -0.58 0.16
C ARG B 142 -12.71 0.34 0.71
N THR B 143 -12.55 1.47 0.00
CA THR B 143 -11.68 2.54 0.33
C THR B 143 -12.66 3.71 0.19
N GLU C 6 9.23 -8.71 -7.28
CA GLU C 6 10.38 -9.46 -6.61
C GLU C 6 10.29 -11.04 -6.74
N ASP C 7 9.44 -11.64 -5.89
CA ASP C 7 8.78 -12.92 -6.27
C ASP C 7 8.06 -12.73 -7.64
N TRP C 8 7.28 -11.66 -7.68
CA TRP C 8 6.54 -11.24 -8.86
C TRP C 8 7.42 -11.07 -10.10
N ASN C 9 8.54 -10.36 -9.98
CA ASN C 9 9.46 -10.13 -11.10
C ASN C 9 9.97 -11.41 -11.75
N SER C 10 10.50 -12.33 -10.91
CA SER C 10 10.90 -13.66 -11.40
C SER C 10 9.75 -14.48 -12.05
N GLN C 11 8.53 -14.41 -11.52
CA GLN C 11 7.40 -15.07 -12.14
C GLN C 11 7.08 -14.52 -13.52
N VAL C 12 7.13 -13.21 -13.64
CA VAL C 12 6.91 -12.55 -14.94
C VAL C 12 8.01 -12.94 -15.93
N ILE C 13 9.26 -12.88 -15.49
CA ILE C 13 10.37 -13.33 -16.38
C ILE C 13 10.14 -14.82 -16.87
N GLN C 14 9.90 -15.72 -15.92
CA GLN C 14 9.57 -17.10 -16.33
C GLN C 14 8.42 -17.16 -17.35
N GLU C 15 7.35 -16.42 -17.10
CA GLU C 15 6.19 -16.54 -17.96
C GLU C 15 6.55 -16.03 -19.35
N PHE C 16 7.24 -14.89 -19.38
CA PHE C 16 7.77 -14.36 -20.67
C PHE C 16 8.50 -15.43 -21.52
N ARG C 17 9.41 -16.08 -20.86
CA ARG C 17 10.28 -17.06 -21.48
C ARG C 17 9.58 -18.37 -21.78
N ALA C 18 8.43 -18.59 -21.16
CA ALA C 18 7.65 -19.80 -21.46
C ALA C 18 6.65 -19.60 -22.58
N ASN C 19 6.43 -18.35 -23.03
CA ASN C 19 5.36 -18.04 -23.99
C ASN C 19 5.85 -17.23 -25.17
N GLY C 20 7.11 -17.44 -25.58
CA GLY C 20 7.68 -16.67 -26.67
C GLY C 20 7.62 -15.17 -26.45
N GLY C 21 7.85 -14.69 -25.22
CA GLY C 21 7.95 -13.25 -25.03
C GLY C 21 6.63 -12.55 -24.79
N ARG C 22 5.71 -13.28 -24.16
CA ARG C 22 4.35 -12.79 -23.85
C ARG C 22 4.03 -13.11 -22.43
N VAL C 23 3.22 -12.25 -21.82
CA VAL C 23 2.87 -12.36 -20.40
C VAL C 23 1.34 -12.05 -20.30
N GLY C 24 0.65 -12.74 -19.41
CA GLY C 24 -0.78 -12.46 -19.20
C GLY C 24 -1.02 -11.39 -18.14
N GLY C 25 -2.13 -11.51 -17.42
CA GLY C 25 -2.54 -10.48 -16.48
C GLY C 25 -2.63 -9.13 -17.16
N ASN C 26 -2.08 -8.11 -16.49
CA ASN C 26 -2.09 -6.73 -16.98
C ASN C 26 -1.36 -6.54 -18.26
N PHE C 27 -0.52 -7.50 -18.58
CA PHE C 27 0.31 -7.42 -19.75
C PHE C 27 -0.27 -8.19 -20.91
N GLU C 28 -1.41 -8.88 -20.68
CA GLU C 28 -2.06 -9.74 -21.70
C GLU C 28 -2.16 -9.01 -23.07
N GLY C 29 -1.62 -9.64 -24.12
CA GLY C 29 -1.68 -9.07 -25.50
C GLY C 29 -0.69 -7.97 -25.82
N ALA C 30 0.06 -7.49 -24.83
CA ALA C 30 0.92 -6.34 -25.05
C ALA C 30 2.28 -6.78 -25.56
N PRO C 31 2.99 -5.91 -26.30
CA PRO C 31 4.37 -6.24 -26.66
C PRO C 31 5.27 -6.12 -25.44
N MSE C 32 6.03 -7.16 -25.11
CA MSE C 32 6.85 -7.17 -23.88
C MSE C 32 8.30 -7.19 -24.14
O MSE C 32 8.74 -7.70 -25.16
CB MSE C 32 6.55 -8.42 -23.05
CG MSE C 32 5.08 -8.49 -22.49
SE MSE C 32 4.66 -6.97 -21.47
CE MSE C 32 5.79 -7.44 -19.90
N VAL C 33 9.05 -6.54 -23.29
CA VAL C 33 10.51 -6.65 -23.36
C VAL C 33 11.04 -6.88 -21.95
N LEU C 34 12.03 -7.77 -21.84
CA LEU C 34 12.81 -7.94 -20.63
C LEU C 34 14.09 -7.14 -20.84
N VAL C 35 14.27 -6.12 -20.01
CA VAL C 35 15.37 -5.22 -20.13
C VAL C 35 16.40 -5.60 -19.12
N HIS C 36 17.61 -5.83 -19.60
CA HIS C 36 18.73 -6.14 -18.68
C HIS C 36 19.48 -4.85 -18.49
N HIS C 37 19.60 -4.43 -17.23
CA HIS C 37 20.21 -3.16 -16.91
C HIS C 37 21.09 -3.38 -15.68
N VAL C 38 21.90 -2.36 -15.37
CA VAL C 38 22.77 -2.52 -14.23
C VAL C 38 22.65 -1.31 -13.34
N GLY C 39 22.61 -1.56 -12.03
CA GLY C 39 22.51 -0.46 -11.05
C GLY C 39 23.58 0.61 -11.26
N ARG C 40 23.20 1.82 -11.68
CA ARG C 40 24.19 2.92 -11.78
C ARG C 40 24.90 3.27 -10.46
N LYS C 41 24.36 2.86 -9.31
CA LYS C 41 25.08 3.04 -8.03
C LYS C 41 25.57 1.73 -7.42
N THR C 42 24.73 0.68 -7.48
CA THR C 42 25.07 -0.59 -6.85
C THR C 42 25.92 -1.44 -7.75
N GLY C 43 25.83 -1.26 -9.07
CA GLY C 43 26.60 -2.08 -9.97
C GLY C 43 25.98 -3.46 -10.15
N LYS C 44 24.77 -3.64 -9.61
CA LYS C 44 24.08 -4.95 -9.63
C LYS C 44 23.15 -5.11 -10.83
N ALA C 45 23.33 -6.21 -11.55
CA ALA C 45 22.50 -6.56 -12.73
C ALA C 45 21.04 -6.79 -12.34
N ALA C 46 20.12 -6.36 -13.20
CA ALA C 46 18.74 -6.71 -12.96
C ALA C 46 18.08 -6.91 -14.32
N VAL C 47 16.85 -7.46 -14.31
CA VAL C 47 16.06 -7.74 -15.48
C VAL C 47 14.63 -7.28 -15.11
N THR C 48 14.10 -6.32 -15.88
CA THR C 48 12.79 -5.76 -15.62
C THR C 48 11.92 -5.96 -16.86
N PRO C 49 10.79 -6.68 -16.71
CA PRO C 49 9.84 -6.83 -17.78
C PRO C 49 9.03 -5.56 -17.89
N MSE C 50 8.68 -5.15 -19.11
CA MSE C 50 7.77 -4.03 -19.26
C MSE C 50 7.19 -4.09 -20.67
O MSE C 50 7.67 -4.85 -21.50
CB MSE C 50 8.56 -2.70 -19.07
CG MSE C 50 9.70 -2.53 -20.10
SE MSE C 50 10.81 -0.99 -19.73
CE MSE C 50 11.73 -1.65 -18.11
N MSE C 51 6.18 -3.28 -20.93
CA MSE C 51 5.69 -3.05 -22.31
C MSE C 51 6.68 -2.29 -23.17
O MSE C 51 7.49 -1.51 -22.64
CB MSE C 51 4.33 -2.30 -22.26
CG MSE C 51 3.18 -3.19 -21.68
SE MSE C 51 1.54 -2.07 -21.91
CE MSE C 51 0.19 -3.15 -20.95
N TYR C 52 6.59 -2.46 -24.48
CA TYR C 52 7.23 -1.52 -25.41
C TYR C 52 6.26 -1.16 -26.51
N LEU C 53 6.58 -0.09 -27.23
CA LEU C 53 5.90 0.25 -28.45
C LEU C 53 6.90 0.18 -29.56
N PRO C 54 6.60 -0.65 -30.59
CA PRO C 54 7.50 -0.70 -31.72
C PRO C 54 7.55 0.61 -32.49
N SER C 55 8.70 0.94 -33.05
CA SER C 55 8.87 2.10 -33.89
C SER C 55 8.05 1.98 -35.19
N ASP C 56 7.31 3.00 -35.55
CA ASP C 56 6.64 2.93 -36.83
C ASP C 56 7.62 3.25 -37.98
N ASP C 57 8.80 3.80 -37.66
CA ASP C 57 9.79 4.33 -38.62
C ASP C 57 11.00 3.44 -38.86
N ASP C 58 11.44 2.70 -37.84
CA ASP C 58 12.72 1.98 -37.90
C ASP C 58 12.58 0.59 -37.30
N PRO C 59 12.70 -0.39 -38.18
CA PRO C 59 12.70 -1.77 -37.74
C PRO C 59 13.85 -1.92 -36.73
N GLY C 60 13.69 -2.67 -35.67
CA GLY C 60 14.92 -2.77 -34.81
C GLY C 60 15.03 -1.68 -33.73
N THR C 61 14.20 -0.65 -33.80
CA THR C 61 14.06 0.30 -32.64
C THR C 61 12.70 0.07 -31.87
N ILE C 62 12.73 0.03 -30.55
CA ILE C 62 11.50 0.00 -29.74
C ILE C 62 11.54 1.13 -28.75
N TYR C 63 10.39 1.52 -28.25
CA TYR C 63 10.31 2.55 -27.26
C TYR C 63 9.82 2.02 -25.95
N VAL C 64 10.42 2.45 -24.84
CA VAL C 64 9.94 2.10 -23.50
C VAL C 64 9.57 3.38 -22.72
N PHE C 65 8.77 3.23 -21.67
CA PHE C 65 8.10 4.35 -20.99
C PHE C 65 8.48 4.24 -19.55
N ALA C 66 9.15 5.26 -18.96
CA ALA C 66 9.57 5.15 -17.56
C ALA C 66 8.40 5.60 -16.68
N SER C 67 7.28 4.89 -16.79
CA SER C 67 6.03 5.31 -16.22
C SER C 67 5.89 5.01 -14.72
N LYS C 68 6.38 3.86 -14.26
CA LYS C 68 6.34 3.49 -12.85
C LYS C 68 4.90 3.75 -12.34
N ALA C 69 3.91 3.38 -13.15
CA ALA C 69 2.50 3.44 -12.75
C ALA C 69 2.08 4.87 -12.29
N GLY C 70 2.72 5.88 -12.86
CA GLY C 70 2.34 7.27 -12.58
C GLY C 70 2.81 7.68 -11.18
N ALA C 71 3.83 6.99 -10.65
CA ALA C 71 4.48 7.41 -9.37
C ALA C 71 5.15 8.75 -9.49
N ALA C 72 5.38 9.36 -8.33
CA ALA C 72 6.02 10.62 -8.28
C ALA C 72 7.44 10.65 -8.85
N SER C 73 8.16 9.53 -8.78
N SER C 73 8.13 9.51 -8.77
CA SER C 73 9.54 9.53 -9.20
CA SER C 73 9.55 9.40 -9.18
C SER C 73 9.76 8.61 -10.42
C SER C 73 9.74 8.59 -10.46
N ASN C 74 10.80 8.87 -11.21
CA ASN C 74 11.28 7.91 -12.25
C ASN C 74 11.75 6.59 -11.67
N PRO C 75 11.59 5.51 -12.46
CA PRO C 75 12.08 4.21 -11.97
C PRO C 75 13.61 4.10 -12.02
N ALA C 76 14.16 3.24 -11.16
CA ALA C 76 15.58 3.01 -11.12
C ALA C 76 16.09 2.61 -12.53
N TRP C 77 15.38 1.75 -13.26
CA TRP C 77 15.89 1.32 -14.59
C TRP C 77 16.13 2.47 -15.61
N TYR C 78 15.34 3.53 -15.53
CA TYR C 78 15.53 4.69 -16.38
C TYR C 78 16.97 5.25 -16.24
N TYR C 79 17.44 5.44 -15.00
CA TYR C 79 18.73 6.08 -14.73
C TYR C 79 19.79 5.08 -15.06
N ASN C 80 19.52 3.79 -14.81
CA ASN C 80 20.52 2.76 -15.14
C ASN C 80 20.77 2.71 -16.64
N LEU C 81 19.69 2.80 -17.39
CA LEU C 81 19.82 2.76 -18.88
C LEU C 81 20.52 4.01 -19.46
N THR C 82 20.12 5.20 -19.02
CA THR C 82 20.65 6.41 -19.60
C THR C 82 22.13 6.59 -19.17
N THR C 83 22.47 6.05 -17.99
CA THR C 83 23.84 6.15 -17.48
C THR C 83 24.71 5.23 -18.34
N ALA C 84 24.26 4.02 -18.56
CA ALA C 84 25.11 3.10 -19.33
C ALA C 84 25.17 3.42 -20.86
N GLY C 85 24.05 3.82 -21.44
CA GLY C 85 24.06 4.11 -22.87
C GLY C 85 23.78 2.89 -23.74
N THR C 86 23.95 1.69 -23.19
CA THR C 86 23.69 0.44 -23.95
C THR C 86 23.11 -0.54 -22.95
N ALA C 87 22.47 -1.59 -23.43
CA ALA C 87 21.88 -2.64 -22.56
C ALA C 87 21.66 -3.89 -23.44
N GLN C 88 20.95 -4.82 -22.90
CA GLN C 88 20.60 -6.00 -23.61
C GLN C 88 19.11 -6.21 -23.37
N VAL C 89 18.40 -6.75 -24.36
CA VAL C 89 16.99 -6.94 -24.19
C VAL C 89 16.63 -8.30 -24.74
N GLU C 90 15.56 -8.86 -24.17
CA GLU C 90 14.83 -9.96 -24.76
C GLU C 90 13.52 -9.42 -25.35
N VAL C 91 13.29 -9.70 -26.63
CA VAL C 91 12.03 -9.31 -27.28
C VAL C 91 11.64 -10.54 -28.14
N GLY C 92 10.38 -10.97 -28.05
CA GLY C 92 9.96 -12.21 -28.70
C GLY C 92 10.86 -13.36 -28.20
N THR C 93 11.44 -14.08 -29.15
CA THR C 93 12.32 -15.20 -28.79
C THR C 93 13.82 -14.80 -28.85
N GLU C 94 14.08 -13.52 -29.04
CA GLU C 94 15.40 -13.02 -29.25
C GLU C 94 16.05 -12.29 -28.10
N THR C 95 17.37 -12.32 -28.09
CA THR C 95 18.11 -11.52 -27.14
C THR C 95 19.17 -10.76 -27.90
N TYR C 96 19.23 -9.44 -27.68
CA TYR C 96 20.19 -8.63 -28.39
C TYR C 96 20.64 -7.39 -27.61
N ALA C 97 21.78 -6.84 -28.07
CA ALA C 97 22.27 -5.56 -27.57
C ALA C 97 21.50 -4.37 -28.13
N VAL C 98 21.38 -3.32 -27.32
CA VAL C 98 20.75 -2.11 -27.78
CA VAL C 98 20.70 -2.07 -27.72
C VAL C 98 21.53 -0.86 -27.36
N GLY C 99 21.46 0.19 -28.22
CA GLY C 99 21.94 1.53 -27.82
C GLY C 99 20.74 2.21 -27.22
N VAL C 100 20.95 3.05 -26.20
CA VAL C 100 19.86 3.77 -25.55
C VAL C 100 19.93 5.28 -25.92
N THR C 101 18.80 5.86 -26.34
CA THR C 101 18.70 7.31 -26.47
C THR C 101 17.39 7.76 -25.78
N GLU C 102 17.38 8.94 -25.19
CA GLU C 102 16.19 9.47 -24.61
C GLU C 102 15.44 10.25 -25.66
N VAL C 103 14.12 10.03 -25.82
CA VAL C 103 13.45 10.78 -26.88
C VAL C 103 12.81 11.97 -26.20
N THR C 104 12.86 13.15 -26.81
CA THR C 104 12.38 14.39 -26.16
C THR C 104 11.44 15.20 -27.08
N GLY C 105 10.78 16.22 -26.53
CA GLY C 105 10.03 17.21 -27.32
C GLY C 105 8.83 16.58 -27.98
N GLU C 106 8.57 17.05 -29.19
CA GLU C 106 7.46 16.56 -30.01
C GLU C 106 7.48 15.07 -30.34
N ASP C 107 8.65 14.57 -30.75
CA ASP C 107 8.81 13.11 -30.99
C ASP C 107 8.37 12.27 -29.76
N ARG C 108 8.78 12.71 -28.58
CA ARG C 108 8.35 12.05 -27.33
C ARG C 108 6.81 12.08 -27.15
N ASP C 109 6.21 13.27 -27.28
CA ASP C 109 4.77 13.43 -27.16
C ASP C 109 4.01 12.57 -28.18
N ARG C 110 4.57 12.44 -29.37
CA ARG C 110 3.95 11.64 -30.40
C ARG C 110 3.96 10.15 -30.06
N ILE C 111 5.15 9.66 -29.68
CA ILE C 111 5.28 8.27 -29.25
C ILE C 111 4.44 8.04 -27.98
N TYR C 112 4.48 8.96 -27.02
CA TYR C 112 3.65 8.75 -25.85
C TYR C 112 2.16 8.73 -26.23
N SER C 113 1.71 9.69 -27.05
CA SER C 113 0.33 9.65 -27.50
C SER C 113 -0.08 8.37 -28.17
N GLU C 114 0.77 7.74 -28.99
CA GLU C 114 0.34 6.46 -29.59
C GLU C 114 0.19 5.36 -28.52
N GLN C 115 1.12 5.32 -27.58
CA GLN C 115 1.03 4.34 -26.48
C GLN C 115 -0.27 4.51 -25.69
N ALA C 116 -0.60 5.76 -25.35
CA ALA C 116 -1.81 6.09 -24.59
C ALA C 116 -3.09 5.83 -25.36
N ARG C 117 -3.04 6.01 -26.69
CA ARG C 117 -4.14 5.65 -27.56
C ARG C 117 -4.40 4.16 -27.41
N ARG C 118 -3.32 3.38 -27.44
CA ARG C 118 -3.40 1.95 -27.34
C ARG C 118 -3.73 1.42 -25.96
N TYR C 119 -3.24 2.08 -24.94
CA TYR C 119 -3.42 1.63 -23.57
C TYR C 119 -3.74 2.92 -22.76
N PRO C 120 -5.04 3.29 -22.64
CA PRO C 120 -5.32 4.62 -22.13
C PRO C 120 -4.98 4.80 -20.66
N GLY C 121 -4.68 3.71 -19.94
CA GLY C 121 -4.02 3.84 -18.61
C GLY C 121 -2.78 4.77 -18.63
N PHE C 122 -2.08 4.81 -19.76
CA PHE C 122 -0.91 5.66 -19.83
C PHE C 122 -1.24 7.15 -19.76
N ALA C 123 -2.41 7.53 -20.25
CA ALA C 123 -2.90 8.93 -20.14
C ALA C 123 -3.15 9.30 -18.67
N ASP C 124 -3.69 8.34 -17.92
N ASP C 124 -3.70 8.33 -17.93
CA ASP C 124 -3.87 8.49 -16.49
CA ASP C 124 -3.88 8.42 -16.47
C ASP C 124 -2.53 8.67 -15.76
C ASP C 124 -2.56 8.64 -15.76
N TYR C 125 -1.51 7.91 -16.17
CA TYR C 125 -0.18 8.11 -15.57
C TYR C 125 0.28 9.57 -15.70
N GLU C 126 0.05 10.15 -16.87
CA GLU C 126 0.45 11.57 -17.08
C GLU C 126 -0.35 12.58 -16.26
N LYS C 127 -1.66 12.31 -16.07
CA LYS C 127 -2.42 13.14 -15.15
C LYS C 127 -1.87 13.03 -13.77
N LYS C 128 -1.48 11.83 -13.37
N LYS C 128 -1.49 11.82 -13.37
CA LYS C 128 -0.97 11.60 -12.03
CA LYS C 128 -0.96 11.62 -12.04
C LYS C 128 0.41 12.28 -11.80
C LYS C 128 0.40 12.30 -11.80
N THR C 129 1.23 12.39 -12.85
CA THR C 129 2.52 13.07 -12.72
C THR C 129 2.50 14.57 -13.10
N ALA C 130 1.34 15.10 -13.51
CA ALA C 130 1.29 16.47 -14.09
C ALA C 130 1.79 17.44 -13.00
N GLY C 131 2.77 18.25 -13.31
CA GLY C 131 3.33 19.19 -12.35
C GLY C 131 4.41 18.58 -11.49
N ILE C 132 4.69 17.29 -11.67
CA ILE C 132 5.71 16.62 -10.89
C ILE C 132 6.81 16.17 -11.84
N ARG C 133 6.44 15.39 -12.85
CA ARG C 133 7.42 14.68 -13.64
C ARG C 133 6.81 14.53 -15.02
N THR C 134 7.62 14.77 -16.06
CA THR C 134 7.25 14.33 -17.43
C THR C 134 7.77 12.92 -17.60
N ILE C 135 6.87 11.93 -17.86
CA ILE C 135 7.28 10.47 -17.93
C ILE C 135 8.29 10.26 -19.07
N PRO C 136 9.51 9.76 -18.75
CA PRO C 136 10.48 9.62 -19.85
C PRO C 136 10.15 8.55 -20.87
N VAL C 137 10.59 8.78 -22.10
CA VAL C 137 10.48 7.75 -23.16
C VAL C 137 11.90 7.48 -23.65
N LEU C 138 12.30 6.22 -23.68
CA LEU C 138 13.64 5.89 -24.22
C LEU C 138 13.47 5.06 -25.50
N ALA C 139 14.40 5.27 -26.44
CA ALA C 139 14.49 4.47 -27.62
C ALA C 139 15.57 3.38 -27.43
N LEU C 140 15.23 2.11 -27.66
CA LEU C 140 16.21 1.01 -27.53
C LEU C 140 16.48 0.51 -28.94
N THR C 141 17.66 0.82 -29.48
CA THR C 141 17.95 0.60 -30.87
C THR C 141 18.90 -0.58 -31.01
N ARG C 142 18.50 -1.61 -31.73
CA ARG C 142 19.27 -2.82 -31.89
C ARG C 142 20.65 -2.58 -32.52
N THR C 143 21.67 -3.10 -31.85
CA THR C 143 23.05 -3.22 -32.31
C THR C 143 23.48 -4.68 -32.46
N GLU D 6 17.46 23.87 19.73
CA GLU D 6 17.06 24.95 20.66
C GLU D 6 16.68 26.16 19.78
N ASP D 7 17.42 27.24 19.97
CA ASP D 7 17.57 28.20 18.90
C ASP D 7 18.48 27.62 17.83
N TRP D 8 19.14 26.53 18.19
CA TRP D 8 20.03 25.76 17.32
C TRP D 8 19.26 25.14 16.15
N ASN D 9 18.26 24.33 16.49
CA ASN D 9 17.27 23.84 15.54
C ASN D 9 16.81 24.94 14.58
N SER D 10 16.39 26.08 15.15
CA SER D 10 15.99 27.26 14.37
C SER D 10 17.06 27.80 13.46
N GLN D 11 18.26 27.92 14.00
CA GLN D 11 19.36 28.41 13.19
C GLN D 11 19.74 27.48 12.03
N VAL D 12 19.70 26.17 12.27
CA VAL D 12 20.04 25.22 11.24
C VAL D 12 19.02 25.27 10.09
N ILE D 13 17.75 25.36 10.48
CA ILE D 13 16.64 25.42 9.56
C ILE D 13 16.78 26.67 8.71
N GLN D 14 17.07 27.80 9.37
CA GLN D 14 17.19 29.06 8.64
C GLN D 14 18.42 29.01 7.73
N GLU D 15 19.51 28.40 8.18
CA GLU D 15 20.67 28.34 7.24
C GLU D 15 20.34 27.44 5.98
N PHE D 16 19.65 26.32 6.23
CA PHE D 16 19.25 25.38 5.19
C PHE D 16 18.44 26.17 4.12
N ARG D 17 17.41 26.91 4.58
CA ARG D 17 16.48 27.61 3.67
C ARG D 17 17.17 28.76 2.94
N ALA D 18 18.03 29.48 3.67
CA ALA D 18 18.86 30.52 3.10
C ALA D 18 19.87 30.03 2.05
N ASN D 19 20.31 28.78 2.16
CA ASN D 19 21.47 28.29 1.40
C ASN D 19 21.18 27.09 0.52
N GLY D 20 19.97 27.05 -0.02
CA GLY D 20 19.56 26.05 -0.97
C GLY D 20 19.64 24.58 -0.52
N GLY D 21 19.28 24.33 0.74
CA GLY D 21 19.35 22.96 1.27
C GLY D 21 20.73 22.46 1.75
N ARG D 22 21.69 23.38 1.92
CA ARG D 22 23.06 23.06 2.40
C ARG D 22 23.33 23.77 3.71
N VAL D 23 23.97 23.06 4.63
CA VAL D 23 24.29 23.63 5.93
C VAL D 23 25.78 23.35 6.21
N GLY D 24 26.42 24.29 6.90
CA GLY D 24 27.83 24.17 7.30
C GLY D 24 27.99 23.58 8.69
N GLY D 25 29.12 23.83 9.34
CA GLY D 25 29.41 23.22 10.66
C GLY D 25 29.50 21.72 10.60
N ASN D 26 28.95 21.02 11.63
CA ASN D 26 28.86 19.54 11.62
C ASN D 26 28.15 18.96 10.39
N PHE D 27 27.42 19.81 9.69
CA PHE D 27 26.67 19.31 8.50
C PHE D 27 27.34 19.58 7.19
N GLU D 28 28.45 20.26 7.26
CA GLU D 28 29.15 20.72 6.04
C GLU D 28 29.30 19.59 4.99
N GLY D 29 28.80 19.83 3.77
CA GLY D 29 28.86 18.80 2.68
C GLY D 29 27.84 17.63 2.74
N ALA D 30 27.08 17.51 3.81
CA ALA D 30 26.20 16.35 3.94
C ALA D 30 24.84 16.59 3.28
N PRO D 31 24.18 15.52 2.84
CA PRO D 31 22.83 15.76 2.26
C PRO D 31 21.91 16.05 3.44
N MSE D 32 21.14 17.11 3.34
CA MSE D 32 20.29 17.60 4.42
C MSE D 32 18.84 17.52 4.03
O MSE D 32 18.46 17.75 2.86
CB MSE D 32 20.64 19.05 4.69
CG MSE D 32 22.03 19.25 5.30
SE MSE D 32 22.34 18.26 6.94
CE MSE D 32 21.10 19.25 8.15
N VAL D 33 18.02 17.23 5.01
CA VAL D 33 16.57 17.28 4.89
C VAL D 33 15.92 17.98 6.12
N LEU D 34 14.92 18.82 5.85
CA LEU D 34 14.06 19.32 6.98
C LEU D 34 12.80 18.48 7.03
N VAL D 35 12.64 17.70 8.11
CA VAL D 35 11.51 16.74 8.29
C VAL D 35 10.44 17.46 9.03
N HIS D 36 9.28 17.57 8.40
CA HIS D 36 8.15 18.24 9.06
C HIS D 36 7.39 17.11 9.72
N HIS D 37 7.09 17.26 11.02
CA HIS D 37 6.39 16.17 11.75
C HIS D 37 5.36 16.77 12.72
N VAL D 38 4.51 15.92 13.28
CA VAL D 38 3.48 16.43 14.15
CA VAL D 38 3.41 16.38 14.10
C VAL D 38 3.50 15.58 15.41
N GLY D 39 3.47 16.25 16.55
CA GLY D 39 3.51 15.54 17.81
C GLY D 39 2.42 14.49 17.98
N ARG D 40 2.80 13.23 18.14
CA ARG D 40 1.81 12.17 18.32
C ARG D 40 0.96 12.36 19.57
N LYS D 41 1.50 13.11 20.52
CA LYS D 41 0.73 13.43 21.73
C LYS D 41 0.27 14.87 21.76
N THR D 42 1.06 15.79 21.23
CA THR D 42 0.68 17.23 21.34
C THR D 42 -0.16 17.69 20.18
N GLY D 43 -0.09 16.99 19.07
CA GLY D 43 -0.72 17.49 17.86
C GLY D 43 -0.02 18.72 17.28
N LYS D 44 1.15 19.09 17.79
CA LYS D 44 1.77 20.38 17.32
C LYS D 44 2.80 20.12 16.22
N ALA D 45 2.89 21.01 15.23
CA ALA D 45 3.84 20.82 14.11
C ALA D 45 5.26 21.08 14.59
N ALA D 46 6.23 20.34 14.06
CA ALA D 46 7.62 20.65 14.35
C ALA D 46 8.43 20.46 13.08
N VAL D 47 9.61 21.05 13.03
CA VAL D 47 10.52 20.86 11.91
C VAL D 47 11.90 20.48 12.54
N THR D 48 12.51 19.37 12.04
CA THR D 48 13.81 18.95 12.56
C THR D 48 14.74 18.72 11.35
N PRO D 49 15.90 19.43 11.32
CA PRO D 49 16.93 19.25 10.31
C PRO D 49 17.75 18.00 10.62
N MSE D 50 18.19 17.28 9.59
CA MSE D 50 19.05 16.16 9.81
C MSE D 50 19.67 15.71 8.50
O MSE D 50 19.22 16.07 7.38
CB MSE D 50 18.29 15.01 10.44
CG MSE D 50 17.24 14.37 9.45
SE MSE D 50 15.98 13.10 10.33
CE MSE D 50 15.06 14.41 11.51
N MSE D 51 20.72 14.93 8.63
CA MSE D 51 21.26 14.29 7.44
C MSE D 51 20.35 13.23 6.86
O MSE D 51 19.49 12.65 7.56
CB MSE D 51 22.63 13.65 7.76
CG MSE D 51 23.64 14.58 8.38
SE MSE D 51 25.36 13.57 8.31
CE MSE D 51 26.56 14.94 8.91
N TYR D 52 20.50 12.96 5.56
CA TYR D 52 19.90 11.75 4.97
C TYR D 52 20.90 11.03 4.11
N LEU D 53 20.59 9.78 3.78
CA LEU D 53 21.40 9.00 2.83
C LEU D 53 20.48 8.69 1.66
N PRO D 54 20.83 9.12 0.41
CA PRO D 54 20.00 8.77 -0.74
C PRO D 54 19.98 7.24 -1.01
N SER D 55 18.83 6.70 -1.36
CA SER D 55 18.73 5.31 -1.73
C SER D 55 19.65 5.02 -2.91
N ASP D 56 20.42 3.96 -2.81
N ASP D 56 20.42 3.95 -2.84
CA ASP D 56 21.17 3.47 -3.99
CA ASP D 56 21.16 3.50 -4.03
C ASP D 56 20.32 2.68 -5.02
C ASP D 56 20.34 2.65 -5.02
N ASP D 57 19.13 2.24 -4.63
CA ASP D 57 18.25 1.38 -5.50
C ASP D 57 17.00 2.12 -6.01
N ASP D 58 16.51 3.12 -5.30
CA ASP D 58 15.21 3.71 -5.62
C ASP D 58 15.22 5.26 -5.64
N PRO D 59 15.20 5.85 -6.85
CA PRO D 59 15.13 7.31 -6.96
C PRO D 59 13.87 7.75 -6.21
N GLY D 60 13.92 8.83 -5.45
CA GLY D 60 12.72 9.29 -4.72
C GLY D 60 12.59 8.83 -3.23
N THR D 61 13.45 7.90 -2.84
CA THR D 61 13.54 7.39 -1.47
C THR D 61 14.84 7.88 -0.80
N ILE D 62 14.70 8.46 0.40
CA ILE D 62 15.85 8.80 1.23
C ILE D 62 15.76 8.04 2.51
N TYR D 63 16.90 7.85 3.16
CA TYR D 63 16.95 7.27 4.48
C TYR D 63 17.41 8.24 5.53
N VAL D 64 16.72 8.21 6.69
CA VAL D 64 17.08 9.01 7.86
C VAL D 64 17.32 8.08 9.05
N PHE D 65 18.09 8.60 10.02
CA PHE D 65 18.72 7.89 11.10
C PHE D 65 18.27 8.50 12.39
N ALA D 66 17.52 7.71 13.16
CA ALA D 66 16.97 8.27 14.38
C ALA D 66 18.02 8.19 15.50
N SER D 67 19.18 8.81 15.24
CA SER D 67 20.43 8.61 15.99
C SER D 67 20.48 9.37 17.33
N LYS D 68 19.93 10.59 17.35
CA LYS D 68 19.86 11.47 18.50
C LYS D 68 21.18 11.53 19.26
N ALA D 69 22.28 11.76 18.53
CA ALA D 69 23.67 11.71 19.00
C ALA D 69 24.04 10.52 19.88
N GLY D 70 23.45 9.34 19.64
CA GLY D 70 23.76 8.20 20.49
C GLY D 70 23.17 8.25 21.92
N ALA D 71 22.26 9.18 22.17
CA ALA D 71 21.58 9.30 23.46
C ALA D 71 20.80 8.02 23.76
N ALA D 72 20.39 7.88 25.01
CA ALA D 72 19.72 6.68 25.48
C ALA D 72 18.38 6.35 24.80
N SER D 73 17.64 7.35 24.38
CA SER D 73 16.31 7.01 23.92
C SER D 73 16.10 7.54 22.48
N ASN D 74 15.14 6.99 21.74
CA ASN D 74 14.81 7.53 20.42
C ASN D 74 14.29 8.97 20.46
N PRO D 75 14.54 9.73 19.35
CA PRO D 75 14.00 11.08 19.31
C PRO D 75 12.48 11.11 19.04
N ALA D 76 11.81 12.15 19.55
CA ALA D 76 10.41 12.35 19.36
C ALA D 76 9.99 12.28 17.91
N TRP D 77 10.81 12.82 17.01
CA TRP D 77 10.45 12.81 15.61
C TRP D 77 10.23 11.41 15.01
N TYR D 78 10.98 10.46 15.52
CA TYR D 78 10.90 9.10 15.05
C TYR D 78 9.47 8.57 15.34
N TYR D 79 9.00 8.77 16.58
CA TYR D 79 7.63 8.28 16.91
C TYR D 79 6.56 9.04 16.16
N ASN D 80 6.80 10.33 15.94
CA ASN D 80 5.80 11.16 15.28
C ASN D 80 5.63 10.69 13.85
N LEU D 81 6.76 10.43 13.18
CA LEU D 81 6.69 9.97 11.81
C LEU D 81 6.09 8.57 11.66
N THR D 82 6.48 7.64 12.53
CA THR D 82 5.98 6.29 12.30
C THR D 82 4.51 6.26 12.70
N THR D 83 4.10 7.13 13.65
CA THR D 83 2.67 7.19 14.04
C THR D 83 1.83 7.70 12.85
N ALA D 84 2.32 8.71 12.14
CA ALA D 84 1.54 9.35 11.07
C ALA D 84 1.59 8.56 9.79
N GLY D 85 2.75 7.91 9.50
CA GLY D 85 2.87 7.10 8.31
C GLY D 85 3.17 7.94 7.07
N THR D 86 3.01 9.27 7.16
CA THR D 86 3.40 10.17 6.06
C THR D 86 3.86 11.49 6.64
N ALA D 87 4.50 12.34 5.84
CA ALA D 87 5.13 13.58 6.33
C ALA D 87 5.37 14.49 5.13
N GLN D 88 5.97 15.60 5.42
CA GLN D 88 6.43 16.47 4.42
C GLN D 88 7.88 16.81 4.64
N VAL D 89 8.64 16.99 3.58
CA VAL D 89 10.06 17.26 3.78
C VAL D 89 10.52 18.38 2.87
N GLU D 90 11.56 19.12 3.25
CA GLU D 90 12.30 19.98 2.33
C GLU D 90 13.62 19.30 2.10
N VAL D 91 13.95 19.13 0.82
CA VAL D 91 15.25 18.64 0.35
C VAL D 91 15.69 19.52 -0.83
N GLY D 92 16.88 20.09 -0.73
CA GLY D 92 17.40 20.86 -1.84
C GLY D 92 16.55 22.09 -1.92
N THR D 93 16.02 22.34 -3.13
CA THR D 93 15.11 23.41 -3.40
C THR D 93 13.62 23.01 -3.33
N GLU D 94 13.29 21.77 -3.03
CA GLU D 94 11.93 21.33 -3.05
C GLU D 94 11.23 21.02 -1.73
N THR D 95 9.91 21.04 -1.69
CA THR D 95 9.18 20.47 -0.57
C THR D 95 8.26 19.46 -1.18
N TYR D 96 8.19 18.30 -0.56
CA TYR D 96 7.30 17.27 -1.07
C TYR D 96 6.78 16.40 0.06
N ALA D 97 5.67 15.73 -0.24
CA ALA D 97 5.08 14.73 0.67
C ALA D 97 5.89 13.42 0.61
N VAL D 98 5.84 12.69 1.73
CA VAL D 98 6.55 11.43 1.87
CA VAL D 98 6.52 11.38 1.83
C VAL D 98 5.72 10.34 2.58
N GLY D 99 5.82 9.09 2.10
CA GLY D 99 5.41 7.91 2.88
C GLY D 99 6.54 7.47 3.81
N VAL D 100 6.17 7.05 5.01
CA VAL D 100 7.20 6.69 5.99
C VAL D 100 7.13 5.18 6.19
N THR D 101 8.25 4.47 6.08
CA THR D 101 8.25 3.08 6.49
C THR D 101 9.54 2.86 7.32
N GLU D 102 9.54 1.89 8.18
CA GLU D 102 10.75 1.66 8.92
C GLU D 102 11.54 0.55 8.26
N VAL D 103 12.87 0.65 8.23
CA VAL D 103 13.72 -0.43 7.72
C VAL D 103 14.30 -1.22 8.90
N THR D 104 14.27 -2.55 8.80
CA THR D 104 14.78 -3.43 9.86
C THR D 104 15.75 -4.49 9.30
N GLY D 105 16.45 -5.17 10.20
CA GLY D 105 17.17 -6.39 9.81
C GLY D 105 18.30 -6.08 8.83
N GLU D 106 18.49 -6.99 7.87
CA GLU D 106 19.57 -6.93 6.88
C GLU D 106 19.62 -5.59 6.16
N ASP D 107 18.47 -5.17 5.62
CA ASP D 107 18.45 -3.90 4.87
C ASP D 107 18.82 -2.71 5.72
N ARG D 108 18.39 -2.72 6.97
CA ARG D 108 18.73 -1.64 7.91
C ARG D 108 20.25 -1.61 8.12
N ASP D 109 20.84 -2.79 8.36
CA ASP D 109 22.25 -2.88 8.70
C ASP D 109 23.03 -2.37 7.50
N ARG D 110 22.55 -2.64 6.30
CA ARG D 110 23.27 -2.28 5.11
C ARG D 110 23.29 -0.74 4.96
N ILE D 111 22.13 -0.11 5.13
CA ILE D 111 21.98 1.34 5.03
C ILE D 111 22.80 2.02 6.15
N TYR D 112 22.57 1.62 7.40
CA TYR D 112 23.34 2.14 8.49
C TYR D 112 24.86 2.01 8.22
N SER D 113 25.33 0.82 7.78
CA SER D 113 26.76 0.65 7.49
C SER D 113 27.26 1.66 6.44
N GLU D 114 26.49 1.88 5.37
CA GLU D 114 26.90 2.90 4.38
C GLU D 114 26.97 4.25 5.03
N GLN D 115 25.93 4.60 5.79
CA GLN D 115 26.00 5.89 6.48
C GLN D 115 27.26 6.03 7.41
N ALA D 116 27.54 4.97 8.17
CA ALA D 116 28.66 4.98 9.09
C ALA D 116 29.99 5.01 8.32
N ARG D 117 30.03 4.43 7.12
CA ARG D 117 31.25 4.45 6.34
C ARG D 117 31.53 5.91 5.87
N ARG D 118 30.49 6.67 5.52
CA ARG D 118 30.71 8.04 5.01
C ARG D 118 30.96 9.01 6.18
N TYR D 119 30.34 8.70 7.31
CA TYR D 119 30.43 9.47 8.55
C TYR D 119 30.65 8.52 9.76
N PRO D 120 31.92 8.17 10.05
CA PRO D 120 32.18 7.20 11.11
C PRO D 120 31.65 7.58 12.50
N GLY D 121 31.37 8.87 12.72
CA GLY D 121 30.59 9.32 13.89
C GLY D 121 29.35 8.44 14.18
N PHE D 122 28.76 7.90 13.12
CA PHE D 122 27.56 7.10 13.29
C PHE D 122 27.86 5.72 13.85
N ALA D 123 29.07 5.22 13.61
CA ALA D 123 29.48 3.93 14.24
C ALA D 123 29.63 4.15 15.73
N ASP D 124 30.17 5.31 16.08
CA ASP D 124 30.17 5.72 17.49
C ASP D 124 28.78 5.68 18.12
N TYR D 125 27.78 6.28 17.47
CA TYR D 125 26.44 6.34 18.03
C TYR D 125 25.97 4.94 18.37
N GLU D 126 26.33 3.96 17.53
CA GLU D 126 25.89 2.60 17.78
C GLU D 126 26.57 1.95 18.95
N LYS D 127 27.83 2.31 19.16
CA LYS D 127 28.50 1.97 20.42
C LYS D 127 27.82 2.59 21.64
N LYS D 128 27.54 3.87 21.62
CA LYS D 128 26.82 4.47 22.78
C LYS D 128 25.43 3.88 23.14
N THR D 129 24.66 3.40 22.18
CA THR D 129 23.33 2.87 22.46
C THR D 129 23.30 1.35 22.63
N ALA D 130 24.49 0.75 22.63
CA ALA D 130 24.59 -0.69 22.48
C ALA D 130 24.05 -1.30 23.79
N GLY D 131 23.19 -2.31 23.73
CA GLY D 131 22.60 -2.80 24.95
C GLY D 131 21.43 -1.91 25.37
N ILE D 132 21.16 -0.81 24.67
CA ILE D 132 20.04 0.09 25.04
C ILE D 132 18.98 0.11 23.94
N ARG D 133 19.37 0.50 22.73
CA ARG D 133 18.44 0.48 21.65
C ARG D 133 19.21 0.34 20.34
N THR D 134 18.55 -0.25 19.35
CA THR D 134 19.03 -0.28 17.97
CA THR D 134 19.07 -0.26 17.98
C THR D 134 18.59 1.04 17.34
N ILE D 135 19.49 1.76 16.71
CA ILE D 135 19.15 3.07 16.09
C ILE D 135 18.22 2.82 14.89
N PRO D 136 17.01 3.37 14.99
CA PRO D 136 16.07 3.18 13.89
C PRO D 136 16.45 3.88 12.58
N VAL D 137 16.16 3.21 11.47
CA VAL D 137 16.35 3.82 10.15
C VAL D 137 14.97 3.93 9.52
N LEU D 138 14.63 5.11 9.00
CA LEU D 138 13.34 5.28 8.28
C LEU D 138 13.59 5.55 6.78
N ALA D 139 12.74 4.98 5.94
CA ALA D 139 12.69 5.28 4.51
C ALA D 139 11.61 6.32 4.26
N LEU D 140 12.00 7.47 3.70
CA LEU D 140 11.02 8.48 3.37
C LEU D 140 10.86 8.46 1.85
N THR D 141 9.68 8.01 1.41
CA THR D 141 9.40 7.81 -0.05
C THR D 141 8.52 8.92 -0.64
N ARG D 142 9.09 9.60 -1.63
CA ARG D 142 8.38 10.70 -2.23
C ARG D 142 7.06 10.26 -2.83
N THR D 143 6.03 10.97 -2.48
CA THR D 143 4.75 10.82 -3.07
C THR D 143 4.34 12.20 -3.52
C1 EDO E . -14.75 -15.65 2.17
O1 EDO E . -13.99 -15.23 3.33
C2 EDO E . -14.33 -16.99 1.64
O2 EDO E . -14.42 -17.91 2.73
#